data_2GBM
#
_entry.id   2GBM
#
_cell.length_a   48.817
_cell.length_b   49.786
_cell.length_c   123.147
_cell.angle_alpha   90.00
_cell.angle_beta   90.00
_cell.angle_gamma   90.00
#
_symmetry.space_group_name_H-M   'P 21 21 21'
#
loop_
_entity.id
_entity.type
_entity.pdbx_description
1 polymer Ubiquitin
2 non-polymer ARSENIC
3 water water
#
_entity_poly.entity_id   1
_entity_poly.type   'polypeptide(L)'
_entity_poly.pdbx_seq_one_letter_code
;MQIFVKTLTGKTITLEVEPSDTIENVKAKIQDKEGGGGGGGGGIPPDQQRLIFAGKQLEDGRTLSDYNIQKESTLHLVLR
LRGG
;
_entity_poly.pdbx_strand_id   A,B,C,D
#
# COMPACT_ATOMS: atom_id res chain seq x y z
N MET A 1 7.67 -36.37 -7.04
CA MET A 1 8.81 -35.63 -6.49
C MET A 1 8.26 -34.59 -5.58
N GLN A 2 9.10 -34.08 -4.70
CA GLN A 2 8.68 -33.01 -3.80
C GLN A 2 9.16 -31.66 -4.30
N ILE A 3 8.27 -30.67 -4.22
CA ILE A 3 8.68 -29.28 -4.34
C ILE A 3 8.08 -28.57 -3.16
N PHE A 4 8.60 -27.38 -2.91
CA PHE A 4 8.17 -26.57 -1.79
C PHE A 4 7.51 -25.32 -2.28
N VAL A 5 6.51 -24.86 -1.55
CA VAL A 5 5.86 -23.57 -1.91
C VAL A 5 5.81 -22.63 -0.73
N LYS A 6 6.17 -21.37 -0.96
CA LYS A 6 5.93 -20.33 0.03
C LYS A 6 4.57 -19.74 -0.30
N THR A 7 3.64 -19.83 0.65
CA THR A 7 2.27 -19.41 0.39
C THR A 7 2.06 -17.93 0.71
N LEU A 8 0.87 -17.42 0.44
CA LEU A 8 0.59 -15.98 0.61
C LEU A 8 0.67 -15.58 2.06
N THR A 9 0.43 -16.52 2.98
CA THR A 9 0.50 -16.22 4.40
C THR A 9 1.91 -16.45 4.97
N GLY A 10 2.85 -16.78 4.10
CA GLY A 10 4.26 -16.92 4.49
C GLY A 10 4.64 -18.31 5.00
N LYS A 11 3.74 -19.28 4.90
CA LYS A 11 4.04 -20.64 5.29
C LYS A 11 4.82 -21.32 4.18
N THR A 12 5.52 -22.38 4.54
CA THR A 12 6.14 -23.21 3.54
C THR A 12 5.49 -24.55 3.65
N ILE A 13 5.07 -25.02 2.50
CA ILE A 13 4.48 -26.33 2.38
C ILE A 13 5.18 -27.19 1.34
N THR A 14 4.99 -28.50 1.46
CA THR A 14 5.56 -29.44 0.53
C THR A 14 4.45 -30.05 -0.31
N LEU A 15 4.69 -30.15 -1.62
CA LEU A 15 3.73 -30.80 -2.50
C LEU A 15 4.40 -31.97 -3.18
N GLU A 16 3.57 -32.95 -3.49
CA GLU A 16 4.01 -34.10 -4.25
C GLU A 16 3.46 -33.89 -5.64
N VAL A 17 4.38 -33.76 -6.59
CA VAL A 17 4.04 -33.38 -7.98
C VAL A 17 4.83 -34.27 -8.90
N GLU A 18 4.40 -34.30 -10.16
CA GLU A 18 5.14 -34.90 -11.27
C GLU A 18 5.57 -33.78 -12.20
N PRO A 19 6.70 -33.93 -12.88
CA PRO A 19 7.12 -32.95 -13.86
C PRO A 19 6.06 -32.60 -14.90
N SER A 20 5.17 -33.55 -15.22
CA SER A 20 4.11 -33.31 -16.20
C SER A 20 2.93 -32.55 -15.60
N ASP A 21 2.96 -32.23 -14.31
CA ASP A 21 1.83 -31.51 -13.71
C ASP A 21 1.77 -30.10 -14.25
N THR A 22 0.55 -29.65 -14.54
CA THR A 22 0.37 -28.32 -15.06
C THR A 22 0.41 -27.29 -13.93
N ILE A 23 0.63 -26.04 -14.30
CA ILE A 23 0.68 -24.97 -13.32
C ILE A 23 -0.62 -24.87 -12.52
N GLU A 24 -1.80 -24.99 -13.16
CA GLU A 24 -3.05 -24.97 -12.37
C GLU A 24 -3.25 -26.21 -11.51
N ASN A 25 -2.75 -27.35 -11.94
CA ASN A 25 -2.80 -28.54 -11.11
C ASN A 25 -2.01 -28.30 -9.83
N VAL A 26 -0.87 -27.63 -9.98
CA VAL A 26 0.00 -27.37 -8.82
C VAL A 26 -0.73 -26.38 -7.92
N LYS A 27 -1.31 -25.34 -8.51
CA LYS A 27 -2.02 -24.37 -7.70
C LYS A 27 -3.15 -25.00 -6.89
N ALA A 28 -3.84 -25.94 -7.52
CA ALA A 28 -4.94 -26.65 -6.88
C ALA A 28 -4.45 -27.52 -5.74
N LYS A 29 -3.28 -28.13 -5.90
CA LYS A 29 -2.68 -28.91 -4.83
C LYS A 29 -2.35 -28.03 -3.63
N ILE A 30 -1.99 -26.77 -3.89
CA ILE A 30 -1.68 -25.86 -2.79
C ILE A 30 -2.93 -25.57 -1.95
N GLN A 31 -4.04 -25.30 -2.63
CA GLN A 31 -5.31 -24.99 -1.99
C GLN A 31 -5.74 -26.13 -1.09
N ASP A 32 -5.61 -27.35 -1.62
CA ASP A 32 -5.92 -28.57 -0.86
C ASP A 32 -5.18 -28.62 0.48
N LYS A 33 -3.93 -28.17 0.49
CA LYS A 33 -3.11 -28.18 1.72
C LYS A 33 -3.51 -27.15 2.76
N GLU A 34 -4.28 -26.13 2.35
CA GLU A 34 -4.70 -25.06 3.26
C GLU A 34 -6.23 -24.97 3.34
N GLY A 35 -6.82 -25.85 4.13
CA GLY A 35 -8.28 -25.89 4.29
C GLY A 35 -8.75 -26.72 5.48
N GLY A 36 -8.10 -26.54 6.63
CA GLY A 36 -8.42 -27.29 7.84
C GLY A 36 -8.54 -26.39 9.06
N GLY A 37 -8.89 -25.12 8.83
CA GLY A 37 -9.05 -24.16 9.91
C GLY A 37 -10.34 -23.38 9.79
N GLY A 38 -10.40 -22.49 8.82
CA GLY A 38 -11.59 -21.68 8.58
C GLY A 38 -12.85 -22.50 8.68
N GLY A 39 -12.88 -23.63 7.98
CA GLY A 39 -14.02 -24.53 8.02
C GLY A 39 -14.87 -24.45 6.77
N GLY A 40 -15.76 -23.46 6.73
CA GLY A 40 -16.66 -23.28 5.60
C GLY A 40 -15.97 -22.69 4.39
N GLY A 41 -16.63 -21.72 3.76
CA GLY A 41 -16.08 -21.06 2.57
C GLY A 41 -15.18 -19.90 2.92
N GLY A 42 -14.03 -19.83 2.25
CA GLY A 42 -13.08 -18.74 2.50
C GLY A 42 -11.75 -18.96 1.78
N GLY A 43 -11.51 -18.19 0.72
CA GLY A 43 -10.28 -18.28 -0.04
C GLY A 43 -10.21 -17.33 -1.22
N ILE A 44 -8.99 -17.17 -1.76
CA ILE A 44 -8.70 -16.31 -2.92
C ILE A 44 -8.60 -17.18 -4.17
N PRO A 45 -9.30 -16.80 -5.26
CA PRO A 45 -9.43 -17.73 -6.39
C PRO A 45 -8.16 -17.94 -7.16
N PRO A 46 -8.08 -19.07 -7.87
CA PRO A 46 -6.84 -19.40 -8.55
C PRO A 46 -6.39 -18.30 -9.47
N ASP A 47 -7.32 -17.61 -10.13
CA ASP A 47 -6.90 -16.69 -11.17
C ASP A 47 -6.35 -15.38 -10.61
N GLN A 48 -6.47 -15.19 -9.29
CA GLN A 48 -5.91 -14.01 -8.65
C GLN A 48 -4.52 -14.29 -8.11
N GLN A 49 -4.03 -15.50 -8.36
CA GLN A 49 -2.75 -15.96 -7.83
C GLN A 49 -1.84 -16.36 -8.98
N ARG A 50 -0.54 -16.16 -8.78
CA ARG A 50 0.47 -16.68 -9.67
C ARG A 50 1.60 -17.34 -8.89
N LEU A 51 2.27 -18.27 -9.56
CA LEU A 51 3.45 -18.91 -9.02
C LEU A 51 4.69 -18.31 -9.70
N ILE A 52 5.74 -18.12 -8.90
CA ILE A 52 7.03 -17.60 -9.36
C ILE A 52 8.08 -18.62 -9.06
N PHE A 53 8.98 -18.86 -10.02
CA PHE A 53 10.11 -19.76 -9.82
C PHE A 53 11.36 -19.01 -10.24
N ALA A 54 12.33 -18.91 -9.33
CA ALA A 54 13.59 -18.27 -9.62
C ALA A 54 13.37 -16.97 -10.39
N GLY A 55 12.47 -16.14 -9.87
CA GLY A 55 12.21 -14.81 -10.43
C GLY A 55 11.28 -14.72 -11.64
N LYS A 56 10.83 -15.87 -12.11
CA LYS A 56 10.03 -15.93 -13.33
C LYS A 56 8.60 -16.29 -13.01
N GLN A 57 7.64 -15.57 -13.59
CA GLN A 57 6.24 -15.89 -13.43
C GLN A 57 5.91 -17.10 -14.33
N LEU A 58 5.30 -18.11 -13.73
CA LEU A 58 4.91 -19.30 -14.48
C LEU A 58 3.57 -19.03 -15.10
N GLU A 59 3.38 -19.51 -16.32
CA GLU A 59 2.16 -19.24 -17.05
C GLU A 59 1.36 -20.52 -17.21
N ASP A 60 0.06 -20.38 -17.39
CA ASP A 60 -0.82 -21.53 -17.63
C ASP A 60 -0.66 -22.09 -19.01
N GLY A 61 -1.09 -23.33 -19.18
CA GLY A 61 -0.88 -24.07 -20.42
C GLY A 61 0.51 -24.64 -20.52
N ARG A 62 1.14 -24.86 -19.37
CA ARG A 62 2.51 -25.32 -19.28
C ARG A 62 2.62 -26.26 -18.11
N THR A 63 3.65 -27.10 -18.14
CA THR A 63 3.92 -28.03 -17.03
C THR A 63 5.17 -27.62 -16.27
N LEU A 64 5.38 -28.22 -15.10
CA LEU A 64 6.59 -27.99 -14.36
C LEU A 64 7.84 -28.29 -15.18
N SER A 65 7.80 -29.39 -15.93
CA SER A 65 8.93 -29.79 -16.78
C SER A 65 9.25 -28.74 -17.84
N ASP A 66 8.23 -28.05 -18.37
CA ASP A 66 8.44 -26.91 -19.29
C ASP A 66 9.30 -25.75 -18.73
N TYR A 67 9.37 -25.62 -17.41
CA TYR A 67 10.23 -24.61 -16.79
C TYR A 67 11.47 -25.23 -16.15
N ASN A 68 11.65 -26.52 -16.40
CA ASN A 68 12.70 -27.33 -15.79
C ASN A 68 12.74 -27.17 -14.28
N ILE A 69 11.55 -27.22 -13.68
CA ILE A 69 11.38 -27.26 -12.22
C ILE A 69 11.53 -28.69 -11.72
N GLN A 70 12.60 -28.92 -10.98
CA GLN A 70 12.97 -30.24 -10.51
C GLN A 70 12.77 -30.36 -9.01
N LYS A 71 13.00 -31.57 -8.51
CA LYS A 71 12.75 -31.86 -7.12
C LYS A 71 13.46 -30.86 -6.21
N GLU A 72 12.78 -30.55 -5.10
CA GLU A 72 13.28 -29.67 -4.05
C GLU A 72 13.41 -28.19 -4.45
N SER A 73 12.82 -27.84 -5.61
CA SER A 73 12.62 -26.45 -6.03
C SER A 73 11.62 -25.79 -5.06
N THR A 74 11.80 -24.49 -4.85
CA THR A 74 10.84 -23.68 -4.11
C THR A 74 10.15 -22.73 -5.09
N LEU A 75 8.82 -22.75 -5.05
CA LEU A 75 7.97 -21.80 -5.79
C LEU A 75 7.39 -20.82 -4.79
N HIS A 76 7.09 -19.62 -5.25
CA HIS A 76 6.46 -18.61 -4.43
C HIS A 76 5.09 -18.23 -4.98
N LEU A 77 4.09 -18.20 -4.13
CA LEU A 77 2.76 -17.75 -4.51
C LEU A 77 2.69 -16.24 -4.32
N VAL A 78 2.12 -15.55 -5.31
CA VAL A 78 1.91 -14.11 -5.25
C VAL A 78 0.51 -13.77 -5.72
N LEU A 79 0.07 -12.55 -5.39
CA LEU A 79 -1.24 -12.06 -5.84
C LEU A 79 -1.11 -11.25 -7.10
N ARG A 80 -2.09 -11.40 -7.98
CA ARG A 80 -2.23 -10.63 -9.19
C ARG A 80 -3.65 -10.14 -9.11
N LEU A 81 -3.85 -9.04 -8.40
CA LEU A 81 -5.15 -8.39 -8.33
C LEU A 81 -5.06 -7.16 -9.22
N MET B 1 18.07 5.40 5.92
CA MET B 1 18.73 4.22 5.30
C MET B 1 17.77 3.55 4.34
N GLN B 2 18.29 2.61 3.58
CA GLN B 2 17.46 1.83 2.66
C GLN B 2 17.13 0.45 3.20
N ILE B 3 15.87 0.04 2.96
CA ILE B 3 15.46 -1.35 3.13
C ILE B 3 14.68 -1.73 1.89
N PHE B 4 14.51 -3.04 1.73
CA PHE B 4 13.83 -3.57 0.55
C PHE B 4 12.64 -4.34 1.07
N VAL B 5 11.50 -4.17 0.44
CA VAL B 5 10.32 -4.94 0.87
C VAL B 5 9.77 -5.70 -0.31
N LYS B 6 9.64 -7.02 -0.17
CA LYS B 6 9.01 -7.85 -1.20
C LYS B 6 7.52 -7.81 -0.90
N THR B 7 6.72 -7.35 -1.84
CA THR B 7 5.31 -7.16 -1.61
C THR B 7 4.49 -8.42 -1.98
N LEU B 8 3.18 -8.38 -1.71
CA LEU B 8 2.31 -9.52 -2.01
C LEU B 8 2.23 -9.85 -3.50
N THR B 9 2.53 -8.90 -4.36
CA THR B 9 2.53 -9.18 -5.80
C THR B 9 3.83 -9.75 -6.29
N GLY B 10 4.81 -9.87 -5.41
CA GLY B 10 6.11 -10.38 -5.80
C GLY B 10 7.11 -9.30 -6.21
N LYS B 11 6.68 -8.05 -6.25
CA LYS B 11 7.60 -6.96 -6.60
C LYS B 11 8.39 -6.53 -5.40
N THR B 12 9.60 -6.04 -5.61
CA THR B 12 10.45 -5.58 -4.53
C THR B 12 10.56 -4.09 -4.66
N ILE B 13 10.30 -3.41 -3.56
CA ILE B 13 10.30 -1.97 -3.50
C ILE B 13 11.42 -1.50 -2.57
N THR B 14 12.16 -0.49 -3.00
CA THR B 14 13.17 0.13 -2.15
C THR B 14 12.55 1.33 -1.41
N LEU B 15 12.74 1.36 -0.10
CA LEU B 15 12.20 2.44 0.73
C LEU B 15 13.34 3.12 1.45
N GLU B 16 13.17 4.42 1.68
CA GLU B 16 14.05 5.19 2.54
C GLU B 16 13.35 5.28 3.86
N VAL B 17 14.01 4.82 4.92
CA VAL B 17 13.40 4.75 6.23
C VAL B 17 14.41 5.22 7.26
N GLU B 18 13.93 5.55 8.46
CA GLU B 18 14.83 5.69 9.59
C GLU B 18 14.53 4.65 10.64
N PRO B 19 15.53 4.34 11.49
CA PRO B 19 15.33 3.33 12.54
C PRO B 19 14.11 3.57 13.45
N SER B 20 13.79 4.84 13.68
CA SER B 20 12.67 5.20 14.51
C SER B 20 11.31 5.06 13.83
N ASP B 21 11.30 4.74 12.54
CA ASP B 21 10.04 4.62 11.82
C ASP B 21 9.30 3.39 12.32
N THR B 22 7.99 3.52 12.52
CA THR B 22 7.20 2.35 12.90
C THR B 22 6.98 1.38 11.74
N ILE B 23 6.69 0.14 12.08
CA ILE B 23 6.32 -0.88 11.09
C ILE B 23 5.03 -0.46 10.35
N GLU B 24 4.09 0.13 11.06
CA GLU B 24 2.90 0.68 10.40
C GLU B 24 3.29 1.71 9.37
N ASN B 25 4.19 2.59 9.73
CA ASN B 25 4.65 3.63 8.78
C ASN B 25 5.30 3.00 7.52
N VAL B 26 6.06 1.93 7.71
CA VAL B 26 6.63 1.23 6.59
C VAL B 26 5.51 0.71 5.72
N LYS B 27 4.46 0.10 6.30
CA LYS B 27 3.34 -0.40 5.50
C LYS B 27 2.69 0.73 4.68
N ALA B 28 2.56 1.89 5.29
CA ALA B 28 1.98 3.03 4.60
C ALA B 28 2.84 3.45 3.41
N LYS B 29 4.16 3.49 3.62
CA LYS B 29 5.10 3.83 2.53
C LYS B 29 4.96 2.86 1.37
N ILE B 30 4.80 1.58 1.68
CA ILE B 30 4.65 0.57 0.64
C ILE B 30 3.39 0.83 -0.15
N GLN B 31 2.32 1.11 0.55
CA GLN B 31 1.05 1.36 -0.11
C GLN B 31 1.25 2.52 -1.09
N ASP B 32 1.95 3.55 -0.65
CA ASP B 32 2.17 4.73 -1.53
C ASP B 32 2.97 4.36 -2.79
N LYS B 33 4.05 3.60 -2.59
CA LYS B 33 5.04 3.28 -3.66
C LYS B 33 4.55 2.28 -4.68
N GLU B 34 3.60 1.44 -4.29
CA GLU B 34 2.90 0.55 -5.21
C GLU B 34 1.86 1.30 -6.02
N GLY B 35 1.69 2.60 -5.76
CA GLY B 35 0.74 3.41 -6.50
C GLY B 35 -0.65 3.39 -5.90
N GLY B 36 -0.77 2.91 -4.67
CA GLY B 36 -2.06 2.81 -3.98
C GLY B 36 -2.26 3.92 -2.98
N GLY B 37 -1.39 4.92 -3.02
CA GLY B 37 -1.41 6.00 -2.04
C GLY B 37 -2.44 7.07 -2.32
N GLY B 38 -2.40 8.12 -1.52
CA GLY B 38 -3.30 9.25 -1.69
C GLY B 38 -4.77 8.88 -1.57
N GLY B 39 -5.16 7.85 -2.32
CA GLY B 39 -6.58 7.44 -2.38
C GLY B 39 -6.91 6.53 -1.21
N GLY B 40 -6.28 5.37 -1.19
CA GLY B 40 -6.19 4.59 0.05
C GLY B 40 -7.01 3.31 0.13
N GLY B 41 -7.37 2.75 -1.02
CA GLY B 41 -8.02 1.44 -1.04
C GLY B 41 -7.75 0.69 -2.33
N GLY B 42 -6.47 0.51 -2.65
CA GLY B 42 -6.09 -0.24 -3.83
C GLY B 42 -5.39 -1.54 -3.49
N GLY B 43 -6.17 -2.56 -3.14
CA GLY B 43 -5.63 -3.93 -2.95
C GLY B 43 -6.04 -4.59 -1.64
N ILE B 44 -5.02 -5.10 -0.94
CA ILE B 44 -5.20 -5.71 0.37
C ILE B 44 -4.93 -4.62 1.38
N PRO B 45 -5.88 -4.39 2.30
CA PRO B 45 -5.68 -3.32 3.27
C PRO B 45 -4.47 -3.60 4.18
N PRO B 46 -3.80 -2.55 4.73
CA PRO B 46 -2.63 -2.75 5.62
C PRO B 46 -2.92 -3.64 6.81
N ASP B 47 -4.13 -3.58 7.36
CA ASP B 47 -4.47 -4.43 8.51
C ASP B 47 -4.48 -5.92 8.14
N GLN B 48 -4.66 -6.26 6.87
CA GLN B 48 -4.72 -7.66 6.44
C GLN B 48 -3.37 -8.17 5.95
N GLN B 49 -2.33 -7.44 6.29
CA GLN B 49 -0.95 -7.81 5.96
C GLN B 49 -0.09 -7.86 7.19
N ARG B 50 1.00 -8.60 7.10
CA ARG B 50 2.04 -8.60 8.16
C ARG B 50 3.37 -8.42 7.48
N LEU B 51 4.26 -7.69 8.12
CA LEU B 51 5.63 -7.59 7.68
C LEU B 51 6.43 -8.63 8.44
N ILE B 52 7.36 -9.27 7.73
CA ILE B 52 8.19 -10.34 8.25
C ILE B 52 9.64 -9.97 8.03
N PHE B 53 10.44 -10.26 9.05
CA PHE B 53 11.90 -10.13 8.95
C PHE B 53 12.50 -11.33 9.63
N ALA B 54 13.35 -12.03 8.89
CA ALA B 54 14.10 -13.20 9.37
C ALA B 54 13.15 -14.27 9.90
N GLY B 55 12.01 -14.41 9.22
CA GLY B 55 11.00 -15.39 9.59
C GLY B 55 10.14 -14.98 10.77
N LYS B 56 10.39 -13.76 11.30
CA LYS B 56 9.68 -13.24 12.44
C LYS B 56 8.60 -12.24 12.05
N GLN B 57 7.42 -12.43 12.58
CA GLN B 57 6.31 -11.53 12.36
C GLN B 57 6.51 -10.26 13.17
N LEU B 58 6.50 -9.11 12.50
CA LEU B 58 6.70 -7.82 13.15
C LEU B 58 5.40 -7.17 13.60
N GLU B 59 5.43 -6.51 14.75
CA GLU B 59 4.28 -5.80 15.30
C GLU B 59 4.24 -4.39 14.73
N ASP B 60 3.05 -3.95 14.27
CA ASP B 60 2.92 -2.68 13.59
C ASP B 60 3.24 -1.48 14.48
N GLY B 61 3.11 -1.66 15.79
CA GLY B 61 3.32 -0.56 16.73
C GLY B 61 4.76 -0.30 17.12
N ARG B 62 5.62 -1.22 16.70
CA ARG B 62 7.02 -1.18 17.02
C ARG B 62 7.77 -0.44 15.94
N THR B 63 9.03 -0.08 16.25
CA THR B 63 9.91 0.57 15.29
C THR B 63 10.88 -0.42 14.64
N LEU B 64 11.48 0.02 13.54
CA LEU B 64 12.47 -0.82 12.89
C LEU B 64 13.61 -1.11 13.88
N SER B 65 13.96 -0.12 14.70
CA SER B 65 15.03 -0.26 15.69
C SER B 65 14.71 -1.33 16.71
N ASP B 66 13.41 -1.50 17.05
CA ASP B 66 13.02 -2.48 18.05
C ASP B 66 13.34 -3.89 17.60
N TYR B 67 13.48 -4.11 16.29
CA TYR B 67 13.79 -5.42 15.71
C TYR B 67 15.22 -5.50 15.15
N ASN B 68 16.06 -4.50 15.48
CA ASN B 68 17.44 -4.45 15.00
C ASN B 68 17.55 -4.55 13.49
N ILE B 69 16.56 -4.00 12.79
CA ILE B 69 16.54 -4.02 11.35
C ILE B 69 17.52 -2.99 10.85
N GLN B 70 18.52 -3.45 10.10
CA GLN B 70 19.64 -2.62 9.66
C GLN B 70 19.55 -2.30 8.18
N LYS B 71 20.45 -1.43 7.74
CA LYS B 71 20.51 -1.02 6.35
C LYS B 71 20.58 -2.24 5.44
N GLU B 72 19.89 -2.13 4.31
CA GLU B 72 19.85 -3.16 3.28
C GLU B 72 19.14 -4.46 3.69
N SER B 73 18.40 -4.43 4.80
CA SER B 73 17.54 -5.56 5.14
C SER B 73 16.45 -5.68 4.08
N THR B 74 16.08 -6.91 3.76
CA THR B 74 14.90 -7.18 2.93
C THR B 74 13.82 -7.76 3.83
N LEU B 75 12.64 -7.15 3.78
CA LEU B 75 11.46 -7.55 4.57
C LEU B 75 10.46 -8.16 3.58
N HIS B 76 9.51 -8.95 4.07
CA HIS B 76 8.51 -9.58 3.22
C HIS B 76 7.14 -9.23 3.75
N LEU B 77 6.22 -8.90 2.85
CA LEU B 77 4.80 -8.75 3.21
C LEU B 77 4.07 -10.07 2.96
N VAL B 78 3.24 -10.47 3.91
CA VAL B 78 2.43 -11.66 3.76
C VAL B 78 1.02 -11.34 4.18
N LEU B 79 0.09 -12.18 3.77
CA LEU B 79 -1.31 -12.02 4.19
C LEU B 79 -1.49 -12.42 5.64
N ARG B 80 -2.27 -11.63 6.39
CA ARG B 80 -2.65 -11.94 7.75
C ARG B 80 -3.74 -13.00 7.75
N MET C 1 -13.91 16.61 -0.04
CA MET C 1 -14.86 17.18 0.95
C MET C 1 -14.19 17.34 2.32
N GLN C 2 -14.76 18.20 3.16
CA GLN C 2 -14.26 18.39 4.52
C GLN C 2 -15.06 17.55 5.50
N ILE C 3 -14.35 16.87 6.42
CA ILE C 3 -14.98 16.27 7.57
C ILE C 3 -14.28 16.75 8.82
N PHE C 4 -14.91 16.48 9.95
CA PHE C 4 -14.34 16.90 11.24
C PHE C 4 -14.06 15.63 12.03
N VAL C 5 -12.96 15.62 12.77
CA VAL C 5 -12.67 14.50 13.66
C VAL C 5 -12.41 15.05 15.07
N LYS C 6 -13.12 14.52 16.06
CA LYS C 6 -12.82 14.79 17.48
C LYS C 6 -11.72 13.79 17.87
N THR C 7 -10.57 14.32 18.27
CA THR C 7 -9.40 13.47 18.47
C THR C 7 -9.32 13.04 19.93
N LEU C 8 -8.35 12.18 20.22
CA LEU C 8 -8.20 11.63 21.56
C LEU C 8 -7.93 12.70 22.60
N THR C 9 -7.32 13.81 22.17
CA THR C 9 -7.01 14.90 23.08
C THR C 9 -8.16 15.88 23.24
N GLY C 10 -9.26 15.62 22.53
CA GLY C 10 -10.44 16.45 22.62
C GLY C 10 -10.45 17.56 21.61
N LYS C 11 -9.44 17.67 20.76
CA LYS C 11 -9.48 18.73 19.78
C LYS C 11 -10.32 18.30 18.61
N THR C 12 -10.80 19.25 17.84
CA THR C 12 -11.55 18.95 16.65
C THR C 12 -10.68 19.44 15.53
N ILE C 13 -10.37 18.55 14.60
CA ILE C 13 -9.53 18.88 13.44
C ILE C 13 -10.39 18.69 12.20
N THR C 14 -10.06 19.43 11.14
CA THR C 14 -10.82 19.38 9.90
C THR C 14 -9.93 18.73 8.84
N LEU C 15 -10.39 17.64 8.24
CA LEU C 15 -9.63 16.94 7.21
C LEU C 15 -10.29 17.15 5.85
N GLU C 16 -9.49 17.23 4.79
CA GLU C 16 -9.96 17.16 3.42
C GLU C 16 -9.83 15.69 2.95
N VAL C 17 -10.92 15.10 2.47
CA VAL C 17 -10.96 13.67 2.15
C VAL C 17 -11.83 13.41 0.93
N GLU C 18 -11.81 12.19 0.42
CA GLU C 18 -12.75 11.77 -0.61
C GLU C 18 -13.60 10.64 -0.08
N PRO C 19 -14.86 10.54 -0.53
CA PRO C 19 -15.71 9.47 -0.05
C PRO C 19 -15.14 8.06 -0.25
N SER C 20 -14.30 7.90 -1.26
CA SER C 20 -13.71 6.62 -1.55
C SER C 20 -12.55 6.28 -0.62
N ASP C 21 -12.19 7.19 0.27
CA ASP C 21 -11.10 6.98 1.18
C ASP C 21 -11.47 5.95 2.22
N THR C 22 -10.53 5.05 2.48
CA THR C 22 -10.77 4.09 3.50
C THR C 22 -10.69 4.75 4.88
N ILE C 23 -11.31 4.08 5.83
CA ILE C 23 -11.23 4.50 7.22
C ILE C 23 -9.74 4.48 7.66
N GLU C 24 -8.97 3.51 7.20
CA GLU C 24 -7.55 3.48 7.50
C GLU C 24 -6.86 4.75 6.99
N ASN C 25 -7.20 5.17 5.78
CA ASN C 25 -6.57 6.40 5.22
C ASN C 25 -6.92 7.59 6.08
N VAL C 26 -8.12 7.62 6.57
CA VAL C 26 -8.53 8.73 7.48
C VAL C 26 -7.69 8.75 8.75
N LYS C 27 -7.42 7.61 9.37
CA LYS C 27 -6.54 7.58 10.53
C LYS C 27 -5.16 8.15 10.17
N ALA C 28 -4.68 7.79 8.99
CA ALA C 28 -3.39 8.30 8.51
C ALA C 28 -3.40 9.81 8.43
N LYS C 29 -4.49 10.39 7.98
CA LYS C 29 -4.55 11.83 7.82
C LYS C 29 -4.59 12.54 9.14
N ILE C 30 -5.20 11.92 10.14
CA ILE C 30 -5.27 12.48 11.47
C ILE C 30 -3.88 12.54 12.02
N GLN C 31 -3.10 11.47 11.83
CA GLN C 31 -1.78 11.45 12.39
C GLN C 31 -0.86 12.45 11.68
N ASP C 32 -1.02 12.57 10.36
CA ASP C 32 -0.30 13.58 9.59
C ASP C 32 -0.59 15.01 10.09
N LYS C 33 -1.86 15.28 10.41
CA LYS C 33 -2.35 16.59 10.83
C LYS C 33 -2.12 16.86 12.32
N GLU C 34 -1.85 15.80 13.09
CA GLU C 34 -1.55 15.94 14.52
C GLU C 34 -0.05 16.19 14.75
N GLY C 35 0.73 16.20 13.67
CA GLY C 35 2.14 16.64 13.74
C GLY C 35 3.07 15.55 14.21
N GLY C 36 4.12 15.96 14.93
CA GLY C 36 5.18 15.05 15.40
C GLY C 36 4.68 13.75 16.01
N GLY C 37 3.54 13.80 16.69
CA GLY C 37 2.94 12.61 17.25
C GLY C 37 3.56 12.24 18.58
N GLY C 38 3.12 12.92 19.62
CA GLY C 38 3.68 12.73 20.95
C GLY C 38 4.28 14.03 21.47
N GLY C 39 4.09 15.10 20.71
CA GLY C 39 4.60 16.41 21.10
C GLY C 39 3.70 17.07 22.13
N GLY C 40 2.40 16.83 22.00
CA GLY C 40 1.43 17.34 22.97
C GLY C 40 1.29 16.39 24.14
N GLY C 41 1.81 15.18 23.95
CA GLY C 41 1.79 14.17 25.00
C GLY C 41 2.53 12.92 24.56
N GLY C 42 1.78 11.87 24.25
CA GLY C 42 2.35 10.65 23.69
C GLY C 42 1.88 10.44 22.26
N GLY C 43 1.74 9.18 21.87
CA GLY C 43 1.30 8.83 20.53
C GLY C 43 0.72 7.43 20.47
N ILE C 44 -0.59 7.35 20.24
CA ILE C 44 -1.29 6.08 20.15
C ILE C 44 -1.16 5.58 18.69
N PRO C 45 -0.62 4.35 18.49
CA PRO C 45 -0.47 3.77 17.14
C PRO C 45 -1.84 3.67 16.46
N PRO C 46 -1.93 3.82 15.11
CA PRO C 46 -3.23 3.72 14.43
C PRO C 46 -4.01 2.44 14.78
N ASP C 47 -3.33 1.33 14.95
CA ASP C 47 -4.04 0.09 15.22
C ASP C 47 -4.73 0.06 16.59
N GLN C 48 -4.33 0.93 17.50
CA GLN C 48 -4.97 1.00 18.83
C GLN C 48 -6.05 2.07 18.88
N GLN C 49 -6.43 2.57 17.73
CA GLN C 49 -7.51 3.54 17.63
C GLN C 49 -8.66 3.00 16.83
N ARG C 50 -9.82 3.61 17.03
CA ARG C 50 -10.96 3.32 16.19
C ARG C 50 -11.68 4.62 15.90
N LEU C 51 -12.27 4.70 14.73
CA LEU C 51 -13.14 5.78 14.38
C LEU C 51 -14.58 5.32 14.55
N ILE C 52 -15.38 6.22 15.09
CA ILE C 52 -16.79 5.96 15.40
C ILE C 52 -17.67 6.97 14.66
N PHE C 53 -18.74 6.50 14.03
CA PHE C 53 -19.77 7.41 13.46
C PHE C 53 -21.11 6.82 13.79
N ALA C 54 -22.01 7.66 14.28
CA ALA C 54 -23.40 7.26 14.60
C ALA C 54 -23.45 6.07 15.55
N GLY C 55 -22.57 6.09 16.54
CA GLY C 55 -22.50 5.03 17.56
C GLY C 55 -21.99 3.69 17.08
N LYS C 56 -21.44 3.63 15.85
CA LYS C 56 -20.93 2.38 15.37
C LYS C 56 -19.46 2.51 15.09
N GLN C 57 -18.78 1.41 15.33
CA GLN C 57 -17.37 1.31 15.12
C GLN C 57 -17.17 1.07 13.64
N LEU C 58 -16.36 1.93 13.03
CA LEU C 58 -16.07 1.88 11.60
C LEU C 58 -14.90 0.93 11.36
N GLU C 59 -15.00 0.09 10.32
CA GLU C 59 -13.93 -0.82 10.01
C GLU C 59 -12.91 -0.17 9.09
N ASP C 60 -11.62 -0.38 9.41
CA ASP C 60 -10.58 0.34 8.71
C ASP C 60 -10.49 0.03 7.20
N GLY C 61 -10.96 -1.15 6.81
CA GLY C 61 -10.96 -1.62 5.40
C GLY C 61 -12.12 -1.14 4.55
N ARG C 62 -13.07 -0.48 5.20
CA ARG C 62 -14.26 0.07 4.53
C ARG C 62 -14.02 1.54 4.25
N THR C 63 -14.93 2.15 3.49
CA THR C 63 -14.79 3.51 3.06
C THR C 63 -15.80 4.45 3.76
N LEU C 64 -15.55 5.74 3.66
CA LEU C 64 -16.44 6.77 4.15
C LEU C 64 -17.80 6.56 3.49
N SER C 65 -17.77 6.37 2.18
CA SER C 65 -18.99 6.16 1.42
C SER C 65 -19.77 4.93 1.90
N ASP C 66 -19.08 3.86 2.31
CA ASP C 66 -19.78 2.65 2.83
C ASP C 66 -20.64 2.93 4.04
N TYR C 67 -20.29 3.95 4.83
CA TYR C 67 -21.04 4.33 6.03
C TYR C 67 -21.87 5.60 5.81
N ASN C 68 -21.98 6.04 4.56
CA ASN C 68 -22.77 7.24 4.22
C ASN C 68 -22.22 8.50 4.91
N ILE C 69 -20.91 8.57 5.04
CA ILE C 69 -20.28 9.75 5.63
C ILE C 69 -20.14 10.84 4.58
N GLN C 70 -20.77 11.97 4.88
CA GLN C 70 -20.94 13.08 3.95
C GLN C 70 -20.16 14.29 4.45
N LYS C 71 -20.14 15.34 3.64
CA LYS C 71 -19.40 16.53 3.98
C LYS C 71 -19.84 17.08 5.35
N GLU C 72 -18.84 17.57 6.09
CA GLU C 72 -19.07 18.19 7.40
C GLU C 72 -19.60 17.23 8.47
N SER C 73 -19.58 15.93 8.22
CA SER C 73 -19.81 14.94 9.27
C SER C 73 -18.73 15.03 10.30
N THR C 74 -19.05 14.63 11.52
CA THR C 74 -18.07 14.54 12.59
C THR C 74 -17.88 13.08 13.01
N LEU C 75 -16.62 12.66 12.99
CA LEU C 75 -16.23 11.33 13.49
C LEU C 75 -15.54 11.51 14.83
N HIS C 76 -15.57 10.46 15.62
CA HIS C 76 -14.89 10.43 16.91
C HIS C 76 -13.79 9.39 16.89
N LEU C 77 -12.59 9.80 17.30
CA LEU C 77 -11.48 8.88 17.51
C LEU C 77 -11.50 8.38 18.95
N VAL C 78 -11.44 7.07 19.13
CA VAL C 78 -11.39 6.49 20.44
C VAL C 78 -10.28 5.47 20.51
N LEU C 79 -9.97 5.03 21.70
CA LEU C 79 -9.01 3.95 21.89
C LEU C 79 -9.68 2.62 21.67
N ARG C 80 -8.92 1.71 21.09
CA ARG C 80 -9.39 0.35 20.89
C ARG C 80 -9.06 -0.42 22.15
N MET D 1 -10.38 16.16 -1.85
CA MET D 1 -10.01 16.95 -3.09
C MET D 1 -9.18 16.16 -4.08
N GLN D 2 -9.52 16.27 -5.35
CA GLN D 2 -8.80 15.58 -6.42
C GLN D 2 -8.38 16.58 -7.48
N ILE D 3 -7.21 16.32 -8.05
CA ILE D 3 -6.72 17.05 -9.22
C ILE D 3 -6.28 16.03 -10.25
N PHE D 4 -6.13 16.48 -11.49
CA PHE D 4 -5.66 15.64 -12.57
C PHE D 4 -4.34 16.15 -13.02
N VAL D 5 -3.44 15.24 -13.38
CA VAL D 5 -2.15 15.61 -13.89
C VAL D 5 -1.87 14.88 -15.18
N LYS D 6 -1.60 15.61 -16.26
CA LYS D 6 -1.17 14.98 -17.49
C LYS D 6 0.31 14.73 -17.38
N THR D 7 0.71 13.46 -17.45
CA THR D 7 2.08 13.07 -17.20
C THR D 7 2.90 13.13 -18.48
N LEU D 8 4.20 12.86 -18.37
CA LEU D 8 5.07 12.91 -19.53
C LEU D 8 4.73 11.86 -20.58
N THR D 9 4.05 10.80 -20.18
CA THR D 9 3.64 9.72 -21.12
C THR D 9 2.27 9.99 -21.73
N GLY D 10 1.66 11.11 -21.34
CA GLY D 10 0.39 11.53 -21.93
C GLY D 10 -0.84 10.98 -21.25
N LYS D 11 -0.65 10.28 -20.13
CA LYS D 11 -1.78 9.84 -19.31
C LYS D 11 -2.24 10.98 -18.47
N THR D 12 -3.53 11.02 -18.16
CA THR D 12 -4.08 11.98 -17.21
C THR D 12 -4.49 11.18 -15.98
N ILE D 13 -3.69 11.33 -14.93
CA ILE D 13 -3.88 10.57 -13.70
C ILE D 13 -4.64 11.42 -12.69
N THR D 14 -5.32 10.75 -11.75
CA THR D 14 -6.06 11.43 -10.73
C THR D 14 -5.30 11.31 -9.41
N LEU D 15 -5.15 12.44 -8.73
CA LEU D 15 -4.43 12.49 -7.46
C LEU D 15 -5.34 13.05 -6.40
N GLU D 16 -5.18 12.52 -5.19
CA GLU D 16 -5.83 13.09 -4.02
C GLU D 16 -4.83 13.99 -3.31
N VAL D 17 -5.25 15.24 -3.08
CA VAL D 17 -4.40 16.30 -2.52
C VAL D 17 -5.20 17.15 -1.56
N GLU D 18 -4.54 18.12 -0.95
CA GLU D 18 -5.23 19.13 -0.12
C GLU D 18 -4.60 20.47 -0.51
N PRO D 19 -5.35 21.57 -0.39
CA PRO D 19 -4.83 22.85 -0.87
C PRO D 19 -3.48 23.31 -0.31
N SER D 20 -3.12 22.87 0.89
CA SER D 20 -1.87 23.25 1.52
C SER D 20 -0.68 22.40 1.05
N ASP D 21 -0.91 21.39 0.22
CA ASP D 21 0.17 20.58 -0.30
C ASP D 21 1.09 21.43 -1.14
N THR D 22 2.40 21.21 -1.04
CA THR D 22 3.33 21.91 -1.91
C THR D 22 3.36 21.23 -3.28
N ILE D 23 3.89 21.96 -4.25
CA ILE D 23 4.07 21.43 -5.57
C ILE D 23 5.06 20.27 -5.52
N GLU D 24 6.07 20.36 -4.66
CA GLU D 24 6.97 19.19 -4.47
C GLU D 24 6.19 17.95 -4.04
N ASN D 25 5.26 18.14 -3.10
CA ASN D 25 4.40 17.04 -2.66
C ASN D 25 3.68 16.42 -3.83
N VAL D 26 3.11 17.27 -4.66
CA VAL D 26 2.42 16.79 -5.85
C VAL D 26 3.34 15.98 -6.74
N LYS D 27 4.58 16.45 -6.97
CA LYS D 27 5.53 15.68 -7.75
C LYS D 27 5.77 14.29 -7.15
N ALA D 28 5.92 14.24 -5.84
CA ALA D 28 6.12 12.97 -5.15
C ALA D 28 4.95 12.02 -5.35
N LYS D 29 3.73 12.55 -5.31
CA LYS D 29 2.55 11.73 -5.52
C LYS D 29 2.48 11.20 -6.94
N ILE D 30 2.89 12.01 -7.91
CA ILE D 30 2.92 11.53 -9.26
C ILE D 30 3.94 10.43 -9.44
N GLN D 31 5.10 10.58 -8.81
CA GLN D 31 6.14 9.57 -8.85
C GLN D 31 5.56 8.26 -8.34
N ASP D 32 4.92 8.32 -7.17
CA ASP D 32 4.31 7.13 -6.54
C ASP D 32 3.32 6.45 -7.49
N LYS D 33 2.45 7.25 -8.10
CA LYS D 33 1.52 6.77 -9.12
C LYS D 33 2.21 6.17 -10.34
N GLU D 34 3.16 6.88 -10.94
CA GLU D 34 3.80 6.38 -12.17
C GLU D 34 4.70 5.18 -11.92
N GLY D 35 5.33 5.12 -10.76
CA GLY D 35 6.27 4.03 -10.44
C GLY D 35 5.63 2.71 -10.03
N GLY D 36 4.32 2.72 -9.79
CA GLY D 36 3.59 1.53 -9.35
C GLY D 36 3.38 0.49 -10.43
N GLY D 37 3.73 0.81 -11.67
CA GLY D 37 3.60 -0.12 -12.78
C GLY D 37 4.86 -0.95 -13.00
N GLY D 38 6.01 -0.31 -12.92
CA GLY D 38 7.28 -0.98 -13.15
C GLY D 38 7.24 -1.82 -14.40
N GLY D 39 6.39 -1.44 -15.35
CA GLY D 39 6.24 -2.16 -16.60
C GLY D 39 7.43 -1.95 -17.54
N GLY D 40 8.05 -0.79 -17.44
CA GLY D 40 9.21 -0.47 -18.27
C GLY D 40 9.17 0.93 -18.85
N GLY D 41 10.35 1.46 -19.16
CA GLY D 41 10.47 2.80 -19.75
C GLY D 41 11.66 3.55 -19.20
N GLY D 42 12.11 3.19 -18.01
CA GLY D 42 13.20 3.88 -17.33
C GLY D 42 12.70 4.63 -16.12
N GLY D 43 13.15 5.88 -15.96
CA GLY D 43 12.64 6.75 -14.91
C GLY D 43 13.18 8.17 -14.97
N ILE D 44 12.27 9.15 -14.91
CA ILE D 44 12.68 10.55 -14.84
C ILE D 44 12.57 11.10 -13.41
N PRO D 45 13.69 11.55 -12.86
CA PRO D 45 13.68 12.06 -11.49
C PRO D 45 12.96 13.40 -11.42
N PRO D 46 12.42 13.78 -10.22
CA PRO D 46 11.60 14.95 -10.06
C PRO D 46 12.30 16.25 -10.44
N ASP D 47 13.61 16.31 -10.24
CA ASP D 47 14.37 17.53 -10.54
C ASP D 47 14.49 17.80 -12.06
N GLN D 48 14.16 16.80 -12.88
CA GLN D 48 14.16 16.99 -14.33
C GLN D 48 12.76 17.31 -14.87
N GLN D 49 11.82 17.47 -13.96
CA GLN D 49 10.45 17.72 -14.32
C GLN D 49 10.00 19.05 -13.76
N ARG D 50 9.03 19.63 -14.44
CA ARG D 50 8.34 20.84 -13.98
C ARG D 50 6.83 20.66 -14.09
N LEU D 51 6.09 21.25 -13.18
CA LEU D 51 4.63 21.29 -13.26
C LEU D 51 4.20 22.65 -13.78
N ILE D 52 3.17 22.59 -14.63
CA ILE D 52 2.57 23.76 -15.25
C ILE D 52 1.09 23.82 -14.89
N PHE D 53 0.60 25.01 -14.56
CA PHE D 53 -0.84 25.19 -14.38
C PHE D 53 -1.25 26.54 -14.97
N ALA D 54 -2.36 26.57 -15.68
CA ALA D 54 -2.86 27.79 -16.31
C ALA D 54 -1.77 28.49 -17.13
N GLY D 55 -0.96 27.68 -17.81
CA GLY D 55 0.14 28.16 -18.66
C GLY D 55 1.46 28.57 -18.00
N LYS D 56 1.50 28.55 -16.67
CA LYS D 56 2.63 29.08 -15.89
C LYS D 56 3.37 27.95 -15.23
N GLN D 57 4.69 28.08 -15.13
CA GLN D 57 5.56 27.13 -14.46
C GLN D 57 5.50 27.36 -12.95
N LEU D 58 5.31 26.28 -12.23
CA LEU D 58 5.14 26.34 -10.79
C LEU D 58 6.44 26.09 -10.05
N GLU D 59 6.55 26.74 -8.90
CA GLU D 59 7.70 26.61 -8.01
C GLU D 59 7.38 25.53 -6.98
N ASP D 60 8.35 24.65 -6.74
CA ASP D 60 8.12 23.45 -5.92
C ASP D 60 7.79 23.74 -4.46
N GLY D 61 8.21 24.90 -3.94
CA GLY D 61 7.93 25.22 -2.56
C GLY D 61 6.61 25.89 -2.26
N ARG D 62 5.92 26.35 -3.30
CA ARG D 62 4.63 26.97 -3.12
C ARG D 62 3.56 25.89 -3.06
N THR D 63 2.38 26.28 -2.63
CA THR D 63 1.27 25.34 -2.41
C THR D 63 0.26 25.42 -3.56
N LEU D 64 -0.62 24.44 -3.59
CA LEU D 64 -1.70 24.45 -4.58
C LEU D 64 -2.54 25.73 -4.42
N SER D 65 -2.80 26.12 -3.17
CA SER D 65 -3.55 27.36 -2.89
C SER D 65 -2.87 28.60 -3.47
N ASP D 66 -1.56 28.65 -3.37
CA ASP D 66 -0.80 29.77 -3.89
C ASP D 66 -1.00 29.99 -5.39
N TYR D 67 -1.37 28.93 -6.10
CA TYR D 67 -1.58 29.02 -7.54
C TYR D 67 -3.05 28.93 -7.93
N ASN D 68 -3.93 28.99 -6.94
CA ASN D 68 -5.34 28.94 -7.20
C ASN D 68 -5.79 27.64 -7.88
N ILE D 69 -5.14 26.55 -7.49
CA ILE D 69 -5.44 25.23 -8.03
C ILE D 69 -6.55 24.65 -7.16
N GLN D 70 -7.66 24.32 -7.77
CA GLN D 70 -8.82 23.84 -7.02
C GLN D 70 -9.27 22.46 -7.47
N LYS D 71 -10.36 21.96 -6.90
CA LYS D 71 -10.89 20.66 -7.23
C LYS D 71 -11.03 20.51 -8.74
N GLU D 72 -10.60 19.35 -9.24
CA GLU D 72 -10.73 19.01 -10.64
C GLU D 72 -9.87 19.85 -11.58
N SER D 73 -8.97 20.66 -11.04
CA SER D 73 -7.99 21.35 -11.88
C SER D 73 -7.05 20.36 -12.53
N THR D 74 -6.51 20.73 -13.69
CA THR D 74 -5.54 19.91 -14.41
C THR D 74 -4.17 20.61 -14.47
N LEU D 75 -3.15 19.88 -14.05
CA LEU D 75 -1.76 20.31 -14.16
C LEU D 75 -1.10 19.49 -15.25
N HIS D 76 -0.02 20.03 -15.81
CA HIS D 76 0.74 19.34 -16.84
C HIS D 76 2.18 19.17 -16.39
N LEU D 77 2.72 17.98 -16.60
CA LEU D 77 4.15 17.73 -16.36
C LEU D 77 4.93 17.90 -17.64
N VAL D 78 6.07 18.59 -17.54
CA VAL D 78 6.97 18.78 -18.66
C VAL D 78 8.40 18.54 -18.22
N LEU D 79 9.28 18.35 -19.19
CA LEU D 79 10.70 18.16 -18.90
C LEU D 79 11.37 19.52 -18.81
N ARG D 80 12.33 19.66 -17.91
CA ARG D 80 13.03 20.94 -17.76
C ARG D 80 13.78 21.29 -19.04
#